data_9P0W
#
_entry.id   9P0W
#
_cell.length_a   42.345
_cell.length_b   41.071
_cell.length_c   71.860
_cell.angle_alpha   90.000
_cell.angle_beta   104.247
_cell.angle_gamma   90.000
#
_symmetry.space_group_name_H-M   'P 1 21 1'
#
loop_
_entity.id
_entity.type
_entity.pdbx_description
1 polymer 'Carbonic anhydrase 2'
2 non-polymer 'ZINC ION'
3 non-polymer 3,3,3-trifluoro-2,2-dihydroxy-1-(4-methoxyphenyl)propan-1-one
4 non-polymer 'DIMETHYL SULFOXIDE'
5 water water
#
_entity_poly.entity_id   1
_entity_poly.type   'polypeptide(L)'
_entity_poly.pdbx_seq_one_letter_code
;MSHHWGYGKHNGPEHWHKDFPIAKGERQSPVDIDTHTAKYDPSLKPLSVSYDQATSLRILNNGHAFNVEFDDSQDKAVLK
GGPLDGTYRLIQFHFHWGSLDGQGSEHTVDKKKYAAELHLVHWNTKYGDFGKAVQQPDGLAVLGIFLKVGSAKPGLQKVV
DVLDSIKTKGKSADFTNFDPRGLLPESLDYWTYPGSLTTPPLLECVTWIVLKEPISVSSEQVLKFRKLNFNGEGEPEELM
VDNWRPAQPLKNRQIKASFK
;
_entity_poly.pdbx_strand_id   A
#
loop_
_chem_comp.id
_chem_comp.type
_chem_comp.name
_chem_comp.formula
A1CF5 non-polymer 3,3,3-trifluoro-2,2-dihydroxy-1-(4-methoxyphenyl)propan-1-one 'C10 H9 F3 O4'
DMS non-polymer 'DIMETHYL SULFOXIDE' 'C2 H6 O S'
ZN non-polymer 'ZINC ION' 'Zn 2'
#
# COMPACT_ATOMS: atom_id res chain seq x y z
N HIS A 4 -10.25 -19.68 0.52
CA HIS A 4 -9.20 -19.23 -0.42
C HIS A 4 -8.03 -18.67 0.39
N TRP A 5 -7.27 -17.78 -0.21
CA TRP A 5 -6.10 -17.28 0.51
C TRP A 5 -6.52 -16.20 1.50
N GLY A 6 -5.72 -16.05 2.56
CA GLY A 6 -5.97 -14.99 3.50
C GLY A 6 -4.78 -14.69 4.38
N TYR A 7 -5.04 -14.32 5.64
CA TYR A 7 -3.97 -14.02 6.59
C TYR A 7 -4.06 -14.86 7.85
N GLY A 8 -4.93 -15.86 7.86
CA GLY A 8 -5.08 -16.70 9.03
C GLY A 8 -4.00 -17.75 9.17
N LYS A 9 -4.20 -18.58 10.21
CA LYS A 9 -3.27 -19.65 10.54
C LYS A 9 -3.04 -20.60 9.37
N HIS A 10 -4.09 -20.92 8.64
CA HIS A 10 -4.07 -22.02 7.66
C HIS A 10 -4.11 -21.56 6.21
N ASN A 11 -4.17 -20.26 5.95
CA ASN A 11 -4.23 -19.79 4.57
C ASN A 11 -3.36 -18.55 4.38
N GLY A 12 -2.46 -18.28 5.32
CA GLY A 12 -1.73 -17.04 5.36
C GLY A 12 -0.51 -17.04 4.47
N PRO A 13 0.35 -16.03 4.63
CA PRO A 13 1.51 -15.87 3.74
C PRO A 13 2.36 -17.12 3.54
N GLU A 14 2.48 -18.00 4.54
CA GLU A 14 3.33 -19.18 4.37
C GLU A 14 2.69 -20.25 3.49
N HIS A 15 1.42 -20.10 3.16
CA HIS A 15 0.68 -21.04 2.31
C HIS A 15 0.55 -20.57 0.86
N TRP A 16 0.77 -19.27 0.60
CA TRP A 16 0.44 -18.70 -0.71
C TRP A 16 1.19 -19.38 -1.84
N HIS A 17 2.41 -19.85 -1.59
CA HIS A 17 3.23 -20.40 -2.67
C HIS A 17 2.57 -21.61 -3.31
N LYS A 18 1.66 -22.28 -2.59
CA LYS A 18 1.07 -23.50 -3.13
C LYS A 18 0.14 -23.20 -4.30
N ASP A 19 -0.67 -22.14 -4.19
CA ASP A 19 -1.42 -21.69 -5.36
C ASP A 19 -0.65 -20.68 -6.20
N PHE A 20 0.30 -19.95 -5.64
CA PHE A 20 0.99 -18.89 -6.39
C PHE A 20 2.50 -19.12 -6.28
N PRO A 21 3.10 -19.96 -7.15
CA PRO A 21 4.52 -20.30 -6.98
C PRO A 21 5.46 -19.11 -7.05
N ILE A 22 5.06 -18.02 -7.71
CA ILE A 22 5.90 -16.83 -7.77
C ILE A 22 6.18 -16.26 -6.38
N ALA A 23 5.44 -16.70 -5.36
CA ALA A 23 5.71 -16.26 -3.98
C ALA A 23 7.16 -16.50 -3.58
N LYS A 24 7.81 -17.50 -4.19
CA LYS A 24 9.22 -17.78 -3.94
C LYS A 24 10.12 -17.21 -5.02
N GLY A 25 9.67 -16.17 -5.72
CA GLY A 25 10.38 -15.65 -6.88
C GLY A 25 11.51 -14.72 -6.52
N GLU A 26 12.04 -14.06 -7.56
CA GLU A 26 13.28 -13.29 -7.45
C GLU A 26 13.08 -11.81 -7.13
N ARG A 27 11.86 -11.29 -7.21
CA ARG A 27 11.65 -9.87 -6.89
C ARG A 27 10.33 -9.71 -6.11
N GLN A 28 10.23 -10.45 -5.00
CA GLN A 28 9.04 -10.43 -4.15
C GLN A 28 9.08 -9.29 -3.13
N SER A 29 7.88 -8.81 -2.78
CA SER A 29 7.69 -7.73 -1.79
C SER A 29 6.78 -8.22 -0.65
N PRO A 30 6.84 -7.63 0.56
CA PRO A 30 7.75 -6.52 0.84
C PRO A 30 9.18 -6.97 1.21
N VAL A 31 10.04 -6.00 1.52
CA VAL A 31 11.40 -6.30 1.92
C VAL A 31 11.76 -5.46 3.14
N ASP A 32 12.80 -5.88 3.84
CA ASP A 32 13.37 -5.01 4.84
C ASP A 32 14.27 -3.98 4.15
N ILE A 33 14.07 -2.71 4.50
CA ILE A 33 14.89 -1.64 3.95
C ILE A 33 16.05 -1.42 4.92
N ASP A 34 17.23 -1.89 4.54
CA ASP A 34 18.44 -1.67 5.34
C ASP A 34 18.99 -0.30 4.97
N THR A 35 18.82 0.69 5.85
CA THR A 35 19.12 2.07 5.49
C THR A 35 20.60 2.31 5.25
N HIS A 36 21.48 1.47 5.81
CA HIS A 36 22.90 1.68 5.59
C HIS A 36 23.40 1.01 4.33
N THR A 37 22.66 0.02 3.81
CA THR A 37 23.03 -0.62 2.56
C THR A 37 22.38 0.02 1.34
N ALA A 38 21.28 0.75 1.51
CA ALA A 38 20.66 1.42 0.37
C ALA A 38 21.60 2.47 -0.19
N LYS A 39 21.62 2.58 -1.50
CA LYS A 39 22.59 3.48 -2.15
C LYS A 39 21.95 4.81 -2.58
N TYR A 40 22.56 5.90 -2.13
CA TYR A 40 22.12 7.19 -2.64
C TYR A 40 22.39 7.30 -4.13
N ASP A 41 21.35 7.62 -4.89
CA ASP A 41 21.49 7.79 -6.34
C ASP A 41 21.13 9.22 -6.73
N PRO A 42 22.13 10.09 -6.96
CA PRO A 42 21.80 11.48 -7.33
C PRO A 42 21.17 11.63 -8.71
N SER A 43 21.13 10.56 -9.51
CA SER A 43 20.43 10.62 -10.79
C SER A 43 18.93 10.34 -10.67
N LEU A 44 18.41 10.07 -9.48
CA LEU A 44 16.97 9.95 -9.29
C LEU A 44 16.34 11.35 -9.26
N LYS A 45 15.29 11.54 -10.06
CA LYS A 45 14.58 12.80 -10.02
C LYS A 45 13.67 12.89 -8.80
N PRO A 46 13.20 14.10 -8.46
CA PRO A 46 12.16 14.20 -7.44
C PRO A 46 10.90 13.51 -7.92
N LEU A 47 10.18 12.89 -6.98
CA LEU A 47 8.83 12.44 -7.26
C LEU A 47 7.95 13.61 -7.66
N SER A 48 7.09 13.36 -8.63
CA SER A 48 6.01 14.26 -9.03
C SER A 48 4.69 13.59 -8.67
N VAL A 49 4.09 14.03 -7.57
CA VAL A 49 2.76 13.58 -7.16
C VAL A 49 1.79 14.68 -7.57
N SER A 50 0.93 14.41 -8.54
CA SER A 50 -0.03 15.39 -9.02
C SER A 50 -1.44 14.88 -8.73
N TYR A 51 -1.96 15.20 -7.55
CA TYR A 51 -3.27 14.75 -7.11
C TYR A 51 -4.33 15.85 -7.09
N ASP A 52 -3.99 17.06 -7.57
CA ASP A 52 -4.94 18.17 -7.52
C ASP A 52 -6.30 17.84 -8.16
N GLN A 53 -6.35 17.00 -9.19
CA GLN A 53 -7.65 16.77 -9.89
C GLN A 53 -8.20 15.38 -9.54
N ALA A 54 -7.71 14.76 -8.47
CA ALA A 54 -8.13 13.41 -8.14
C ALA A 54 -9.65 13.35 -7.93
N THR A 55 -10.25 12.25 -8.40
CA THR A 55 -11.69 12.00 -8.24
C THR A 55 -11.88 10.68 -7.52
N SER A 56 -12.04 10.73 -6.20
CA SER A 56 -12.41 9.52 -5.47
C SER A 56 -13.87 9.17 -5.77
N LEU A 57 -14.17 7.88 -5.77
CA LEU A 57 -15.53 7.44 -6.09
C LEU A 57 -16.19 6.63 -4.99
N ARG A 58 -15.45 5.68 -4.45
CA ARG A 58 -16.09 4.74 -3.52
C ARG A 58 -15.06 4.10 -2.60
N ILE A 59 -15.56 3.56 -1.51
CA ILE A 59 -14.72 2.82 -0.59
C ILE A 59 -15.31 1.42 -0.44
N LEU A 60 -14.45 0.40 -0.50
CA LEU A 60 -14.88 -0.99 -0.57
C LEU A 60 -14.12 -1.81 0.45
N ASN A 61 -14.85 -2.63 1.22
CA ASN A 61 -14.24 -3.71 2.00
C ASN A 61 -14.19 -4.94 1.10
N ASN A 62 -12.99 -5.33 0.67
CA ASN A 62 -12.85 -6.45 -0.25
C ASN A 62 -12.51 -7.75 0.47
N GLY A 63 -12.65 -7.79 1.79
CA GLY A 63 -12.37 -8.98 2.57
C GLY A 63 -10.96 -9.10 3.08
N HIS A 64 -10.05 -8.22 2.68
CA HIS A 64 -8.73 -8.21 3.32
C HIS A 64 -8.13 -6.82 3.48
N ALA A 65 -8.78 -5.78 2.96
CA ALA A 65 -8.44 -4.39 3.25
C ALA A 65 -9.67 -3.57 2.92
N PHE A 66 -9.59 -2.25 3.10
CA PHE A 66 -10.57 -1.36 2.48
C PHE A 66 -9.86 -0.52 1.43
N ASN A 67 -10.45 -0.47 0.23
CA ASN A 67 -9.89 0.26 -0.89
C ASN A 67 -10.71 1.52 -1.12
N VAL A 68 -10.04 2.65 -1.20
CA VAL A 68 -10.66 3.88 -1.69
C VAL A 68 -10.28 3.98 -3.17
N GLU A 69 -11.28 3.92 -4.03
CA GLU A 69 -11.11 3.80 -5.48
C GLU A 69 -11.28 5.14 -6.16
N PHE A 70 -10.48 5.37 -7.19
CA PHE A 70 -10.52 6.66 -7.90
C PHE A 70 -10.88 6.46 -9.37
N ASP A 71 -11.31 7.53 -10.00
CA ASP A 71 -11.61 7.51 -11.45
C ASP A 71 -10.27 7.58 -12.19
N ASP A 72 -9.90 6.49 -12.82
CA ASP A 72 -8.63 6.38 -13.52
C ASP A 72 -8.83 6.33 -15.04
N SER A 73 -9.94 6.90 -15.53
CA SER A 73 -10.22 6.96 -16.96
C SER A 73 -9.65 8.21 -17.62
N GLN A 74 -9.06 9.11 -16.84
CA GLN A 74 -8.31 10.26 -17.35
C GLN A 74 -7.08 10.44 -16.48
N ASP A 75 -6.13 11.25 -16.97
CA ASP A 75 -4.94 11.62 -16.18
C ASP A 75 -5.32 12.70 -15.18
N LYS A 76 -6.02 12.29 -14.13
CA LYS A 76 -6.47 13.21 -13.09
C LYS A 76 -5.57 13.21 -11.87
N ALA A 77 -5.04 12.05 -11.50
CA ALA A 77 -4.21 11.90 -10.31
C ALA A 77 -3.05 11.03 -10.74
N VAL A 78 -1.88 11.62 -10.99
CA VAL A 78 -0.81 10.83 -11.59
C VAL A 78 0.46 10.94 -10.76
N LEU A 79 1.27 9.87 -10.88
CA LEU A 79 2.61 9.84 -10.30
C LEU A 79 3.60 9.84 -11.47
N LYS A 80 4.65 10.61 -11.35
CA LYS A 80 5.67 10.74 -12.38
C LYS A 80 7.00 11.00 -11.69
N GLY A 81 8.06 10.96 -12.47
CA GLY A 81 9.36 11.35 -11.94
C GLY A 81 9.91 10.25 -11.07
N GLY A 82 10.82 10.63 -10.16
CA GLY A 82 11.51 9.64 -9.36
C GLY A 82 12.24 8.65 -10.23
N PRO A 83 12.06 7.35 -9.96
CA PRO A 83 12.66 6.32 -10.82
C PRO A 83 11.84 6.00 -12.04
N LEU A 84 10.70 6.67 -12.24
CA LEU A 84 9.69 6.24 -13.18
C LEU A 84 9.91 6.87 -14.55
N ASP A 85 9.67 6.09 -15.59
CA ASP A 85 9.51 6.60 -16.95
C ASP A 85 8.03 6.64 -17.25
N GLY A 86 7.57 7.74 -17.81
CA GLY A 86 6.17 7.82 -18.15
C GLY A 86 5.28 8.16 -16.97
N THR A 87 3.99 7.93 -17.17
CA THR A 87 2.94 8.43 -16.31
C THR A 87 2.19 7.26 -15.69
N TYR A 88 1.94 7.35 -14.38
CA TYR A 88 1.18 6.30 -13.68
C TYR A 88 -0.08 6.91 -13.05
N ARG A 89 -1.25 6.35 -13.36
CA ARG A 89 -2.52 6.85 -12.84
C ARG A 89 -2.90 6.17 -11.53
N LEU A 90 -3.38 6.98 -10.59
CA LEU A 90 -3.90 6.47 -9.33
C LEU A 90 -5.22 5.74 -9.56
N ILE A 91 -5.28 4.46 -9.18
CA ILE A 91 -6.52 3.68 -9.24
C ILE A 91 -7.15 3.52 -7.86
N GLN A 92 -6.34 3.30 -6.82
CA GLN A 92 -6.89 3.11 -5.48
C GLN A 92 -5.78 3.30 -4.44
N PHE A 93 -6.19 3.51 -3.18
CA PHE A 93 -5.28 3.31 -2.06
C PHE A 93 -5.96 2.47 -0.98
N HIS A 94 -5.13 1.86 -0.14
CA HIS A 94 -5.59 1.00 0.95
C HIS A 94 -4.48 0.97 1.99
N PHE A 95 -4.76 0.23 3.05
CA PHE A 95 -3.75 0.08 4.10
C PHE A 95 -3.59 -1.37 4.56
N HIS A 96 -2.44 -1.63 5.16
CA HIS A 96 -2.15 -2.88 5.87
C HIS A 96 -1.87 -2.49 7.31
N TRP A 97 -2.42 -3.23 8.28
CA TRP A 97 -2.22 -2.81 9.67
C TRP A 97 -2.21 -4.03 10.57
N GLY A 98 -1.81 -3.79 11.83
CA GLY A 98 -1.59 -4.85 12.78
C GLY A 98 -2.71 -4.95 13.80
N SER A 99 -2.64 -6.02 14.59
CA SER A 99 -3.50 -6.16 15.76
C SER A 99 -2.99 -5.35 16.94
N LEU A 100 -1.76 -4.84 16.84
CA LEU A 100 -1.06 -4.11 17.88
C LEU A 100 -0.25 -3.01 17.21
N ASP A 101 0.04 -1.94 17.96
CA ASP A 101 0.77 -0.81 17.37
C ASP A 101 2.18 -1.20 16.94
N GLY A 102 2.78 -2.24 17.52
CA GLY A 102 4.15 -2.53 17.13
C GLY A 102 4.31 -3.43 15.92
N GLN A 103 3.25 -3.66 15.16
CA GLN A 103 3.35 -4.42 13.92
C GLN A 103 2.24 -3.95 13.00
N GLY A 104 2.34 -4.32 11.72
CA GLY A 104 1.32 -3.87 10.80
C GLY A 104 1.86 -3.48 9.44
N SER A 105 3.02 -2.84 9.39
CA SER A 105 3.59 -2.50 8.09
C SER A 105 4.10 -3.75 7.39
N GLU A 106 4.20 -3.66 6.05
CA GLU A 106 4.73 -4.77 5.23
C GLU A 106 6.23 -4.52 5.08
N HIS A 107 6.61 -3.36 4.52
CA HIS A 107 8.01 -3.04 4.54
C HIS A 107 8.46 -2.77 5.97
N THR A 108 9.74 -2.99 6.22
CA THR A 108 10.33 -2.63 7.50
C THR A 108 11.57 -1.79 7.23
N VAL A 109 11.99 -1.02 8.22
CA VAL A 109 13.13 -0.09 8.08
C VAL A 109 14.13 -0.48 9.15
N ASP A 110 15.26 -1.06 8.75
CA ASP A 110 16.20 -1.68 9.67
C ASP A 110 15.48 -2.57 10.69
N LYS A 111 14.60 -3.42 10.16
CA LYS A 111 13.78 -4.40 10.88
C LYS A 111 12.68 -3.76 11.72
N LYS A 112 12.57 -2.43 11.74
N LYS A 112 12.54 -2.44 11.62
CA LYS A 112 11.49 -1.79 12.46
CA LYS A 112 11.48 -1.75 12.42
C LYS A 112 10.16 -1.95 11.72
C LYS A 112 10.12 -1.88 11.72
N LYS A 113 9.14 -2.41 12.45
CA LYS A 113 7.78 -2.53 11.95
C LYS A 113 6.99 -1.30 12.40
N TYR A 114 6.28 -0.67 11.46
CA TYR A 114 5.37 0.40 11.79
C TYR A 114 3.97 -0.16 12.06
N ALA A 115 3.09 0.70 12.61
CA ALA A 115 1.76 0.24 12.98
C ALA A 115 0.89 -0.01 11.77
N ALA A 116 1.18 0.63 10.65
CA ALA A 116 0.43 0.38 9.42
C ALA A 116 1.27 0.90 8.26
N GLU A 117 0.78 0.64 7.05
CA GLU A 117 1.43 1.09 5.84
C GLU A 117 0.36 1.40 4.81
N LEU A 118 0.43 2.60 4.24
CA LEU A 118 -0.48 3.05 3.20
C LEU A 118 0.13 2.76 1.83
N HIS A 119 -0.69 2.19 0.93
CA HIS A 119 -0.29 1.93 -0.45
C HIS A 119 -1.19 2.72 -1.38
N LEU A 120 -0.60 3.64 -2.11
CA LEU A 120 -1.26 4.40 -3.17
C LEU A 120 -0.85 3.76 -4.48
N VAL A 121 -1.80 3.09 -5.14
CA VAL A 121 -1.49 2.17 -6.24
C VAL A 121 -1.72 2.88 -7.56
N HIS A 122 -0.69 2.89 -8.43
CA HIS A 122 -0.75 3.59 -9.70
C HIS A 122 -0.38 2.62 -10.82
N TRP A 123 -1.00 2.78 -12.00
CA TRP A 123 -0.64 1.93 -13.14
C TRP A 123 -0.16 2.74 -14.34
N ASN A 124 0.74 2.11 -15.11
CA ASN A 124 1.46 2.76 -16.20
C ASN A 124 0.52 3.00 -17.38
N THR A 125 0.30 4.27 -17.71
CA THR A 125 -0.63 4.67 -18.81
C THR A 125 -0.30 3.96 -20.14
N LYS A 126 0.96 3.59 -20.35
CA LYS A 126 1.38 2.91 -21.59
C LYS A 126 0.65 1.59 -21.79
N TYR A 127 0.04 1.03 -20.75
CA TYR A 127 -0.58 -0.32 -20.86
C TYR A 127 -2.12 -0.24 -20.94
N GLY A 128 -2.67 0.97 -20.99
CA GLY A 128 -4.11 1.07 -21.23
C GLY A 128 -5.03 0.84 -20.04
N ASP A 129 -4.79 -0.18 -19.24
CA ASP A 129 -5.58 -0.29 -18.01
C ASP A 129 -4.82 -1.14 -17.00
N PHE A 130 -5.38 -1.20 -15.78
CA PHE A 130 -4.72 -1.86 -14.66
C PHE A 130 -4.48 -3.33 -14.94
N GLY A 131 -5.50 -4.03 -15.46
CA GLY A 131 -5.35 -5.46 -15.70
C GLY A 131 -4.22 -5.80 -16.65
N LYS A 132 -4.01 -4.96 -17.66
CA LYS A 132 -2.87 -5.22 -18.57
C LYS A 132 -1.56 -4.84 -17.87
N ALA A 133 -1.57 -3.79 -17.07
CA ALA A 133 -0.33 -3.30 -16.43
C ALA A 133 0.26 -4.35 -15.50
N VAL A 134 -0.58 -5.03 -14.73
CA VAL A 134 -0.01 -5.97 -13.75
C VAL A 134 0.72 -7.13 -14.42
N GLN A 135 0.56 -7.27 -15.73
CA GLN A 135 1.26 -8.34 -16.49
C GLN A 135 2.62 -7.85 -16.99
N GLN A 136 3.03 -6.63 -16.62
CA GLN A 136 4.25 -6.05 -17.14
C GLN A 136 5.25 -5.77 -16.02
N PRO A 137 6.56 -5.90 -16.28
CA PRO A 137 7.56 -5.67 -15.23
C PRO A 137 7.55 -4.25 -14.69
N ASP A 138 7.16 -3.27 -15.49
CA ASP A 138 7.06 -1.88 -15.05
C ASP A 138 5.60 -1.40 -15.06
N GLY A 139 4.65 -2.27 -14.77
CA GLY A 139 3.22 -1.91 -14.89
C GLY A 139 2.69 -1.05 -13.77
N LEU A 140 3.18 -1.27 -12.56
CA LEU A 140 2.63 -0.53 -11.43
C LEU A 140 3.73 0.30 -10.77
N ALA A 141 3.31 1.40 -10.16
CA ALA A 141 4.14 2.13 -9.22
C ALA A 141 3.32 2.31 -7.97
N VAL A 142 3.83 1.85 -6.83
CA VAL A 142 3.09 1.95 -5.58
C VAL A 142 3.88 2.86 -4.64
N LEU A 143 3.20 3.91 -4.17
CA LEU A 143 3.77 4.83 -3.19
C LEU A 143 3.39 4.30 -1.81
N GLY A 144 4.42 3.90 -1.04
CA GLY A 144 4.23 3.31 0.29
C GLY A 144 4.58 4.29 1.36
N ILE A 145 3.70 4.42 2.35
CA ILE A 145 3.85 5.43 3.40
C ILE A 145 3.62 4.76 4.74
N PHE A 146 4.58 4.87 5.64
CA PHE A 146 4.42 4.25 6.94
C PHE A 146 3.55 5.11 7.86
N LEU A 147 2.80 4.45 8.72
CA LEU A 147 2.02 5.10 9.77
C LEU A 147 2.57 4.73 11.13
N LYS A 148 2.83 5.74 11.95
CA LYS A 148 3.11 5.54 13.36
C LYS A 148 1.99 6.14 14.21
N VAL A 149 1.86 5.64 15.43
CA VAL A 149 0.80 6.10 16.32
C VAL A 149 1.31 7.27 17.15
N GLY A 150 0.60 8.39 17.09
CA GLY A 150 0.86 9.54 17.93
C GLY A 150 -0.25 10.56 17.71
N SER A 151 0.07 11.68 17.07
CA SER A 151 -0.95 12.68 16.78
C SER A 151 -1.89 12.21 15.68
N ALA A 152 -3.13 12.67 15.73
CA ALA A 152 -4.09 12.33 14.69
C ALA A 152 -3.68 12.92 13.35
N LYS A 153 -4.08 12.25 12.27
CA LYS A 153 -3.86 12.78 10.94
C LYS A 153 -5.19 13.34 10.45
N PRO A 154 -5.36 14.66 10.38
CA PRO A 154 -6.70 15.19 10.04
C PRO A 154 -7.24 14.67 8.72
N GLY A 155 -6.39 14.57 7.70
CA GLY A 155 -6.85 14.15 6.38
C GLY A 155 -7.25 12.69 6.28
N LEU A 156 -7.05 11.90 7.34
CA LEU A 156 -7.47 10.50 7.39
C LEU A 156 -8.84 10.32 8.00
N GLN A 157 -9.33 11.30 8.76
CA GLN A 157 -10.50 11.07 9.60
C GLN A 157 -11.74 10.73 8.77
N LYS A 158 -11.87 11.32 7.59
CA LYS A 158 -13.05 11.07 6.72
C LYS A 158 -13.08 9.59 6.35
N VAL A 159 -11.91 9.05 6.05
CA VAL A 159 -11.83 7.59 5.82
C VAL A 159 -12.27 6.84 7.06
N VAL A 160 -11.70 7.21 8.21
CA VAL A 160 -12.03 6.54 9.47
C VAL A 160 -13.52 6.55 9.74
N ASP A 161 -14.18 7.68 9.50
CA ASP A 161 -15.58 7.79 9.91
C ASP A 161 -16.53 6.97 9.04
N VAL A 162 -16.12 6.58 7.83
CA VAL A 162 -17.03 5.78 7.00
C VAL A 162 -16.86 4.29 7.21
N LEU A 163 -15.86 3.84 7.98
CA LEU A 163 -15.59 2.40 8.08
C LEU A 163 -16.75 1.63 8.68
N ASP A 164 -17.55 2.28 9.55
CA ASP A 164 -18.76 1.67 10.10
C ASP A 164 -19.71 1.17 9.02
N SER A 165 -19.74 1.83 7.89
CA SER A 165 -20.69 1.49 6.85
C SER A 165 -20.19 0.40 5.91
N ILE A 166 -18.92 -0.03 6.06
CA ILE A 166 -18.38 -1.11 5.23
C ILE A 166 -17.69 -2.12 6.13
N LYS A 167 -18.39 -2.54 7.19
CA LYS A 167 -17.73 -3.35 8.20
C LYS A 167 -17.30 -4.71 7.66
N THR A 168 -18.07 -5.29 6.74
CA THR A 168 -17.88 -6.68 6.34
C THR A 168 -17.59 -6.81 4.84
N LYS A 169 -17.08 -7.98 4.47
CA LYS A 169 -16.59 -8.23 3.12
C LYS A 169 -17.67 -7.97 2.08
N GLY A 170 -17.30 -7.26 1.02
CA GLY A 170 -18.20 -6.98 -0.06
C GLY A 170 -18.99 -5.69 0.08
N LYS A 171 -18.98 -5.07 1.25
CA LYS A 171 -19.71 -3.79 1.43
C LYS A 171 -18.95 -2.61 0.80
N SER A 172 -19.68 -1.69 0.17
CA SER A 172 -19.08 -0.49 -0.40
C SER A 172 -19.94 0.70 -0.03
N ALA A 173 -19.33 1.89 -0.14
CA ALA A 173 -20.04 3.12 0.17
C ALA A 173 -19.52 4.21 -0.75
N ASP A 174 -20.43 5.09 -1.16
CA ASP A 174 -20.02 6.26 -1.95
C ASP A 174 -18.94 7.00 -1.16
N PHE A 175 -17.93 7.48 -1.86
CA PHE A 175 -16.86 8.15 -1.11
C PHE A 175 -16.22 9.18 -2.05
N THR A 176 -16.98 10.24 -2.33
CA THR A 176 -16.55 11.26 -3.28
C THR A 176 -15.85 12.42 -2.58
N ASN A 177 -15.06 13.15 -3.37
CA ASN A 177 -14.43 14.40 -2.96
C ASN A 177 -13.43 14.20 -1.83
N PHE A 178 -12.80 13.03 -1.79
CA PHE A 178 -11.70 12.81 -0.85
C PHE A 178 -10.37 13.18 -1.50
N ASP A 179 -9.57 13.98 -0.79
CA ASP A 179 -8.31 14.51 -1.30
C ASP A 179 -7.17 13.67 -0.74
N PRO A 180 -6.52 12.83 -1.55
CA PRO A 180 -5.45 11.98 -1.01
C PRO A 180 -4.19 12.75 -0.63
N ARG A 181 -4.07 14.02 -1.02
CA ARG A 181 -2.93 14.83 -0.59
C ARG A 181 -2.89 15.00 0.91
N GLY A 182 -4.03 14.85 1.59
CA GLY A 182 -4.07 14.92 3.03
C GLY A 182 -3.47 13.73 3.72
N LEU A 183 -3.02 12.71 2.99
CA LEU A 183 -2.38 11.54 3.60
C LEU A 183 -0.85 11.55 3.47
N LEU A 184 -0.27 12.60 2.84
CA LEU A 184 1.16 12.59 2.54
C LEU A 184 1.95 13.21 3.68
N PRO A 185 3.20 12.75 3.95
CA PRO A 185 4.05 13.46 4.90
C PRO A 185 4.56 14.75 4.27
N GLU A 186 5.34 15.55 5.01
CA GLU A 186 5.93 16.76 4.46
C GLU A 186 6.93 16.44 3.37
N SER A 187 7.84 15.51 3.64
CA SER A 187 8.95 15.21 2.75
C SER A 187 8.57 14.10 1.79
N LEU A 188 9.06 14.20 0.56
CA LEU A 188 8.90 13.13 -0.43
C LEU A 188 10.21 12.36 -0.67
N ASP A 189 11.12 12.44 0.29
CA ASP A 189 12.36 11.61 0.24
C ASP A 189 11.90 10.15 0.23
N TYR A 190 12.61 9.30 -0.53
CA TYR A 190 12.08 7.94 -0.73
C TYR A 190 13.21 6.93 -0.95
N TRP A 191 12.89 5.65 -0.73
CA TRP A 191 13.67 4.54 -1.22
C TRP A 191 12.92 3.91 -2.39
N THR A 192 13.64 3.27 -3.30
CA THR A 192 12.94 2.61 -4.41
C THR A 192 13.65 1.32 -4.75
N TYR A 193 12.87 0.32 -5.13
CA TYR A 193 13.42 -0.98 -5.56
C TYR A 193 12.35 -1.69 -6.40
N PRO A 194 12.74 -2.63 -7.27
CA PRO A 194 11.74 -3.38 -8.05
C PRO A 194 11.19 -4.56 -7.27
N GLY A 195 9.88 -4.73 -7.27
CA GLY A 195 9.25 -5.73 -6.42
C GLY A 195 7.95 -6.25 -7.00
N SER A 196 7.05 -6.68 -6.12
CA SER A 196 5.85 -7.38 -6.53
C SER A 196 4.64 -6.84 -5.79
N LEU A 197 3.46 -7.28 -6.23
CA LEU A 197 2.29 -7.23 -5.37
C LEU A 197 2.58 -7.98 -4.07
N THR A 198 2.04 -7.49 -2.95
CA THR A 198 2.25 -8.19 -1.68
C THR A 198 1.10 -9.11 -1.32
N THR A 199 0.05 -9.19 -2.13
CA THR A 199 -0.98 -10.19 -1.97
C THR A 199 -1.05 -11.02 -3.25
N PRO A 200 -1.60 -12.24 -3.17
CA PRO A 200 -1.90 -12.97 -4.40
C PRO A 200 -2.60 -12.07 -5.41
N PRO A 201 -2.23 -12.17 -6.70
CA PRO A 201 -1.35 -13.13 -7.36
C PRO A 201 0.17 -12.88 -7.25
N LEU A 202 0.60 -11.89 -6.46
CA LEU A 202 2.03 -11.68 -6.17
C LEU A 202 2.84 -11.38 -7.43
N LEU A 203 2.21 -10.79 -8.44
CA LEU A 203 2.89 -10.58 -9.71
C LEU A 203 4.06 -9.61 -9.53
N GLU A 204 5.13 -9.84 -10.28
CA GLU A 204 6.36 -9.06 -10.10
C GLU A 204 6.35 -7.88 -11.08
N CYS A 205 5.47 -6.92 -10.77
CA CYS A 205 5.09 -5.86 -11.69
C CYS A 205 5.23 -4.47 -11.09
N VAL A 206 5.83 -4.32 -9.91
CA VAL A 206 5.75 -3.09 -9.13
C VAL A 206 7.11 -2.42 -9.03
N THR A 207 7.15 -1.12 -9.32
CA THR A 207 8.24 -0.28 -8.86
C THR A 207 7.80 0.29 -7.51
N TRP A 208 8.44 -0.16 -6.44
CA TRP A 208 8.11 0.35 -5.12
C TRP A 208 8.81 1.68 -4.87
N ILE A 209 8.04 2.64 -4.35
CA ILE A 209 8.56 3.93 -3.93
C ILE A 209 8.08 4.11 -2.49
N VAL A 210 8.98 3.97 -1.52
CA VAL A 210 8.62 3.96 -0.10
C VAL A 210 9.15 5.24 0.54
N LEU A 211 8.25 6.04 1.08
CA LEU A 211 8.66 7.34 1.65
C LEU A 211 9.41 7.12 2.96
N LYS A 212 10.48 7.87 3.15
CA LYS A 212 11.26 7.83 4.39
C LYS A 212 10.45 8.32 5.59
N GLU A 213 9.65 9.38 5.41
CA GLU A 213 8.98 10.03 6.53
C GLU A 213 7.62 9.41 6.79
N PRO A 214 7.38 8.86 7.98
CA PRO A 214 6.04 8.33 8.29
C PRO A 214 5.06 9.47 8.52
N ILE A 215 3.79 9.15 8.41
CA ILE A 215 2.74 10.04 8.89
C ILE A 215 2.31 9.54 10.25
N SER A 216 1.82 10.44 11.09
CA SER A 216 1.30 10.06 12.40
C SER A 216 -0.22 9.97 12.35
N VAL A 217 -0.75 8.91 12.96
CA VAL A 217 -2.18 8.75 13.14
C VAL A 217 -2.42 8.52 14.62
N SER A 218 -3.64 8.79 15.06
CA SER A 218 -3.93 8.62 16.48
C SER A 218 -4.27 7.16 16.78
N SER A 219 -4.09 6.79 18.05
CA SER A 219 -4.55 5.47 18.48
C SER A 219 -6.02 5.29 18.13
N GLU A 220 -6.84 6.33 18.28
CA GLU A 220 -8.26 6.22 17.94
C GLU A 220 -8.47 5.89 16.47
N GLN A 221 -7.66 6.48 15.58
CA GLN A 221 -7.82 6.21 14.15
C GLN A 221 -7.45 4.76 13.81
N VAL A 222 -6.33 4.27 14.34
N VAL A 222 -6.36 4.26 14.37
CA VAL A 222 -5.93 2.89 14.03
CA VAL A 222 -5.91 2.88 14.03
C VAL A 222 -6.90 1.89 14.64
C VAL A 222 -6.87 1.86 14.66
N LEU A 223 -7.41 2.18 15.84
CA LEU A 223 -8.38 1.28 16.47
C LEU A 223 -9.59 1.07 15.58
N LYS A 224 -10.02 2.11 14.87
CA LYS A 224 -11.16 1.94 13.99
C LYS A 224 -10.84 1.09 12.76
N PHE A 225 -9.59 1.09 12.27
CA PHE A 225 -9.20 0.09 11.28
C PHE A 225 -9.47 -1.33 11.79
N ARG A 226 -9.13 -1.57 13.05
CA ARG A 226 -9.18 -2.95 13.63
C ARG A 226 -10.61 -3.42 13.96
N LYS A 227 -11.60 -2.54 13.81
CA LYS A 227 -12.98 -2.96 14.02
C LYS A 227 -13.60 -3.54 12.77
N LEU A 228 -12.88 -3.45 11.66
CA LEU A 228 -13.38 -4.04 10.39
C LEU A 228 -13.33 -5.57 10.44
N ASN A 229 -14.00 -6.21 9.51
CA ASN A 229 -14.10 -7.69 9.50
C ASN A 229 -13.62 -8.28 8.16
N PHE A 230 -12.93 -9.42 8.23
CA PHE A 230 -12.49 -10.14 7.00
C PHE A 230 -13.71 -10.86 6.42
N ASN A 231 -14.64 -11.22 7.29
CA ASN A 231 -15.80 -12.03 6.88
C ASN A 231 -16.94 -11.20 6.33
N GLY A 232 -17.85 -11.86 5.62
CA GLY A 232 -19.06 -11.19 5.19
C GLY A 232 -20.10 -11.14 6.30
N GLU A 233 -21.10 -10.27 6.10
CA GLU A 233 -22.20 -10.15 7.04
C GLU A 233 -22.89 -11.50 7.23
N GLY A 234 -23.31 -11.77 8.47
CA GLY A 234 -23.94 -13.04 8.79
C GLY A 234 -22.98 -14.21 8.89
N GLU A 235 -21.69 -14.00 8.72
CA GLU A 235 -20.66 -14.99 8.93
C GLU A 235 -19.97 -14.73 10.26
N PRO A 236 -19.28 -15.73 10.81
CA PRO A 236 -18.61 -15.52 12.11
C PRO A 236 -17.58 -14.40 12.02
N GLU A 237 -17.55 -13.58 13.07
CA GLU A 237 -16.77 -12.35 13.06
C GLU A 237 -15.30 -12.66 13.30
N GLU A 238 -14.51 -12.28 12.29
CA GLU A 238 -13.03 -12.39 12.37
C GLU A 238 -12.50 -10.98 12.11
N LEU A 239 -11.85 -10.39 13.10
CA LEU A 239 -11.46 -9.00 12.92
C LEU A 239 -10.41 -8.88 11.83
N MET A 240 -10.56 -7.84 11.00
CA MET A 240 -9.55 -7.51 10.00
C MET A 240 -8.35 -6.86 10.66
N VAL A 241 -7.39 -7.70 11.01
CA VAL A 241 -6.13 -7.22 11.61
C VAL A 241 -4.98 -8.09 11.09
N ASP A 242 -3.77 -7.55 11.12
CA ASP A 242 -2.57 -8.26 10.66
C ASP A 242 -2.74 -8.74 9.23
N ASN A 243 -3.21 -7.84 8.36
CA ASN A 243 -3.33 -8.16 6.93
C ASN A 243 -2.07 -7.74 6.18
N TRP A 244 -0.91 -8.14 6.71
CA TRP A 244 0.39 -7.78 6.15
C TRP A 244 1.21 -9.03 5.87
N ARG A 245 1.96 -8.98 4.82
CA ARG A 245 2.91 -10.01 4.44
C ARG A 245 4.28 -9.67 5.04
N PRO A 246 4.98 -10.65 5.61
CA PRO A 246 6.30 -10.35 6.19
C PRO A 246 7.32 -10.08 5.10
N ALA A 247 8.45 -9.52 5.54
CA ALA A 247 9.56 -9.20 4.65
C ALA A 247 10.06 -10.44 3.93
N GLN A 248 10.32 -10.29 2.64
CA GLN A 248 10.78 -11.36 1.77
C GLN A 248 12.27 -11.18 1.45
N PRO A 249 12.96 -12.23 1.01
CA PRO A 249 14.41 -12.10 0.76
C PRO A 249 14.69 -11.12 -0.38
N LEU A 250 15.72 -10.29 -0.16
CA LEU A 250 16.05 -9.26 -1.13
C LEU A 250 16.65 -9.87 -2.40
N LYS A 251 17.41 -10.95 -2.25
CA LYS A 251 18.01 -11.68 -3.38
C LYS A 251 18.86 -10.69 -4.20
N ASN A 252 18.74 -10.68 -5.52
CA ASN A 252 19.65 -9.89 -6.35
C ASN A 252 19.05 -8.51 -6.66
N ARG A 253 18.80 -7.74 -5.60
CA ARG A 253 18.22 -6.41 -5.77
C ARG A 253 18.94 -5.40 -4.90
N GLN A 254 18.95 -4.16 -5.37
CA GLN A 254 19.64 -3.07 -4.72
C GLN A 254 18.60 -2.01 -4.41
N ILE A 255 18.47 -1.61 -3.15
CA ILE A 255 17.54 -0.55 -2.79
C ILE A 255 18.26 0.79 -2.95
N LYS A 256 17.60 1.69 -3.67
CA LYS A 256 18.21 3.01 -3.92
C LYS A 256 17.50 4.07 -3.09
N ALA A 257 18.23 5.07 -2.66
CA ALA A 257 17.68 6.18 -1.89
C ALA A 257 17.79 7.48 -2.68
N SER A 258 16.76 8.32 -2.59
CA SER A 258 16.75 9.61 -3.28
C SER A 258 17.44 10.68 -2.46
N PHE A 259 17.93 10.35 -1.28
CA PHE A 259 18.44 11.30 -0.31
C PHE A 259 19.68 10.72 0.33
N LYS A 260 20.51 11.59 0.88
CA LYS A 260 21.69 11.13 1.56
C LYS A 260 21.53 11.36 3.06
ZN ZN B . -1.05 -3.01 -0.26
C01 A1CF5 C . -5.91 -6.78 -7.64
C03 A1CF5 C . -4.59 -5.58 -6.09
C04 A1CF5 C . -4.38 -4.53 -5.19
C05 A1CF5 C . -3.26 -4.52 -4.38
C06 A1CF5 C . -2.32 -5.55 -4.48
C07 A1CF5 C . -2.54 -6.58 -5.37
C08 A1CF5 C . -3.66 -6.60 -6.18
C09 A1CF5 C . -1.06 -5.57 -3.61
C11 A1CF5 C . -0.46 -4.37 -2.89
C14 A1CF5 C . -0.09 -3.20 -3.82
F15 A1CF5 C . 0.86 -3.64 -4.67
F16 A1CF5 C . -1.15 -2.72 -4.52
F17 A1CF5 C . 0.45 -2.20 -3.06
O02 A1CF5 C . -5.73 -5.59 -6.92
O10 A1CF5 C . -0.42 -6.79 -3.46
O12 A1CF5 C . -1.35 -4.00 -1.88
O13 A1CF5 C . 0.76 -4.72 -2.31
S DMS D . 0.42 -11.35 9.41
O DMS D . -0.66 -12.30 9.01
C1 DMS D . 1.93 -11.98 8.73
C2 DMS D . 0.77 -11.69 11.12
#